data_4KFQ
#
_entry.id   4KFQ
#
_cell.length_a   43.950
_cell.length_b   78.590
_cell.length_c   109.630
_cell.angle_alpha   90.00
_cell.angle_beta   94.21
_cell.angle_gamma   90.00
#
_symmetry.space_group_name_H-M   'P 1 21 1'
#
loop_
_entity.id
_entity.type
_entity.pdbx_description
1 polymer 'Glutamate receptor ionotropic, NMDA 1'
2 non-polymer 1-sulfanyl[1,2,4]triazolo[4,3-a]quinoxalin-4(5H)-one
3 non-polymer GLYCEROL
4 non-polymer 'SULFATE ION'
5 water water
#
_entity_poly.entity_id   1
_entity_poly.type   'polypeptide(L)'
_entity_poly.pdbx_seq_one_letter_code
;GMSTRLKIVTIHQEPFVYVKPTMSDGTCKEEFTVNGDPVKKVICTGPNDTSPGSPRHTVPQCCYGFCIDLLIKLARTMNF
TYEVHLVADGKFGTQERVNNSNKKEWNGMMGELLSGQADMIVAPLTINNERAQYIEFSKPFKYQGLTILVKKGTRITGIN
DPRLRNPSDKFIYATVKQSSVDIYFRRQVELSTMYRHMEKHNYESAAEAIQAVRDNKLHAFIWDSAVLEFEASQKCDLVT
TGELFFRSGFGIGMRKDSPWKQNVSLSILKSHENGFMEDLDKTWVRYQECDS
;
_entity_poly.pdbx_strand_id   A,B
#
loop_
_chem_comp.id
_chem_comp.type
_chem_comp.name
_chem_comp.formula
GOL non-polymer GLYCEROL 'C3 H8 O3'
KFQ non-polymer 1-sulfanyl[1,2,4]triazolo[4,3-a]quinoxalin-4(5H)-one 'C9 H6 N4 O S'
SO4 non-polymer 'SULFATE ION' 'O4 S -2'
#
# COMPACT_ATOMS: atom_id res chain seq x y z
N THR A 4 -16.78 -30.89 29.75
CA THR A 4 -17.51 -30.37 28.60
C THR A 4 -16.82 -29.15 28.00
N ARG A 5 -16.11 -28.40 28.84
CA ARG A 5 -15.32 -27.25 28.43
C ARG A 5 -14.02 -27.64 27.67
N LEU A 6 -13.84 -27.05 26.50
CA LEU A 6 -12.68 -27.31 25.65
C LEU A 6 -11.38 -26.65 26.14
N LYS A 7 -10.29 -27.40 26.17
CA LYS A 7 -8.99 -26.78 26.43
C LYS A 7 -8.39 -26.31 25.11
N ILE A 8 -8.20 -25.00 24.99
CA ILE A 8 -7.64 -24.42 23.78
C ILE A 8 -6.16 -24.14 24.01
N VAL A 9 -5.29 -24.62 23.12
CA VAL A 9 -3.89 -24.19 23.16
C VAL A 9 -3.63 -23.17 22.05
N THR A 10 -2.92 -22.11 22.39
CA THR A 10 -2.48 -21.17 21.39
C THR A 10 -1.03 -20.81 21.66
N ILE A 11 -0.51 -19.82 20.95
CA ILE A 11 0.91 -19.51 21.02
C ILE A 11 1.07 -18.01 20.81
N HIS A 12 2.11 -17.43 21.40
CA HIS A 12 2.35 -15.99 21.26
C HIS A 12 2.89 -15.66 19.87
N GLN A 13 2.09 -14.98 19.05
CA GLN A 13 2.53 -14.58 17.72
C GLN A 13 1.69 -13.43 17.18
N GLU A 14 2.18 -12.19 17.33
CA GLU A 14 1.45 -11.03 16.81
C GLU A 14 1.45 -11.07 15.28
N PRO A 15 0.35 -10.59 14.65
CA PRO A 15 -0.84 -10.03 15.27
C PRO A 15 -1.95 -11.07 15.44
N PHE A 16 -1.62 -12.35 15.42
CA PHE A 16 -2.64 -13.38 15.64
C PHE A 16 -2.98 -13.54 17.13
N VAL A 17 -1.94 -13.58 17.95
CA VAL A 17 -2.14 -13.63 19.40
C VAL A 17 -1.16 -12.71 20.11
N TYR A 18 -1.66 -11.62 20.69
CA TYR A 18 -0.89 -10.80 21.61
C TYR A 18 -1.00 -11.39 23.01
N VAL A 19 0.09 -11.33 23.78
CA VAL A 19 0.07 -11.80 25.16
C VAL A 19 0.59 -10.69 26.11
N LYS A 20 -0.25 -10.28 27.04
CA LYS A 20 0.07 -9.19 27.95
C LYS A 20 -0.24 -9.61 29.38
N PRO A 21 0.40 -8.97 30.37
CA PRO A 21 0.10 -9.30 31.76
C PRO A 21 -1.34 -8.93 32.09
N THR A 22 -1.95 -9.65 33.03
CA THR A 22 -3.16 -9.16 33.69
C THR A 22 -2.76 -8.03 34.62
N MET A 23 -3.75 -7.25 35.09
CA MET A 23 -3.49 -6.25 36.11
C MET A 23 -3.50 -6.93 37.49
N SER A 24 -3.26 -6.17 38.56
CA SER A 24 -3.18 -6.80 39.89
C SER A 24 -4.48 -7.53 40.29
N ASP A 25 -5.61 -7.03 39.79
CA ASP A 25 -6.93 -7.60 40.08
C ASP A 25 -7.10 -8.90 39.35
N GLY A 26 -6.24 -9.13 38.36
CA GLY A 26 -6.38 -10.29 37.51
C GLY A 26 -7.26 -10.02 36.31
N THR A 27 -7.59 -8.75 36.09
CA THR A 27 -8.37 -8.34 34.91
C THR A 27 -7.47 -7.88 33.77
N CYS A 28 -8.08 -7.73 32.59
CA CYS A 28 -7.36 -7.24 31.41
C CYS A 28 -7.69 -5.77 31.13
N LYS A 29 -6.65 -4.97 30.90
CA LYS A 29 -6.82 -3.55 30.60
C LYS A 29 -7.81 -3.30 29.45
N GLU A 30 -8.70 -2.32 29.63
CA GLU A 30 -9.69 -2.00 28.60
C GLU A 30 -9.04 -1.26 27.44
N GLU A 31 -9.07 -1.85 26.24
CA GLU A 31 -8.51 -1.20 25.06
C GLU A 31 -9.48 -1.25 23.90
N PHE A 32 -9.20 -0.48 22.84
CA PHE A 32 -10.13 -0.36 21.71
C PHE A 32 -9.44 -0.42 20.36
N THR A 33 -10.16 -0.90 19.34
CA THR A 33 -9.62 -0.99 17.98
C THR A 33 -9.62 0.37 17.28
N VAL A 34 -9.08 0.39 16.06
CA VAL A 34 -9.00 1.59 15.25
C VAL A 34 -10.41 2.12 14.99
N ASN A 35 -11.34 1.20 14.80
CA ASN A 35 -12.75 1.54 14.60
C ASN A 35 -13.44 1.97 15.89
N GLY A 36 -12.74 1.86 17.02
CA GLY A 36 -13.32 2.22 18.31
C GLY A 36 -14.14 1.14 19.02
N ASP A 37 -14.05 -0.10 18.54
CA ASP A 37 -14.70 -1.22 19.23
C ASP A 37 -13.83 -1.76 20.37
N PRO A 38 -14.46 -2.32 21.41
CA PRO A 38 -13.62 -2.87 22.48
C PRO A 38 -12.84 -4.09 21.98
N VAL A 39 -11.57 -4.16 22.33
CA VAL A 39 -10.78 -5.35 22.05
C VAL A 39 -11.25 -6.48 22.95
N LYS A 40 -11.59 -7.61 22.35
CA LYS A 40 -12.00 -8.78 23.12
C LYS A 40 -10.75 -9.43 23.68
N LYS A 41 -10.73 -9.65 24.99
CA LYS A 41 -9.58 -10.27 25.62
C LYS A 41 -10.01 -11.47 26.45
N VAL A 42 -9.20 -12.53 26.38
CA VAL A 42 -9.44 -13.71 27.18
C VAL A 42 -8.25 -13.89 28.11
N ILE A 43 -8.47 -14.65 29.19
CA ILE A 43 -7.40 -15.00 30.11
C ILE A 43 -6.72 -16.24 29.58
N CYS A 44 -5.42 -16.15 29.33
CA CYS A 44 -4.65 -17.32 28.91
C CYS A 44 -3.55 -17.57 29.91
N THR A 45 -3.51 -18.75 30.50
CA THR A 45 -2.40 -19.08 31.39
C THR A 45 -1.25 -19.60 30.55
N GLY A 46 -0.03 -19.31 30.98
CA GLY A 46 1.14 -19.80 30.26
C GLY A 46 2.42 -19.65 31.06
N PRO A 47 3.52 -20.20 30.53
CA PRO A 47 4.84 -20.12 31.18
C PRO A 47 5.19 -18.68 31.50
N ASN A 48 5.69 -18.43 32.70
CA ASN A 48 6.00 -17.08 33.12
C ASN A 48 7.38 -16.67 32.62
N ASP A 49 7.55 -16.59 31.31
CA ASP A 49 8.83 -16.22 30.71
C ASP A 49 9.18 -14.78 31.05
N THR A 50 8.18 -13.91 31.18
CA THR A 50 8.46 -12.51 31.46
C THR A 50 9.10 -12.30 32.83
N SER A 51 8.77 -13.16 33.80
CA SER A 51 9.35 -13.03 35.14
C SER A 51 9.98 -14.34 35.61
N PRO A 52 11.16 -14.68 35.08
CA PRO A 52 11.86 -15.90 35.51
C PRO A 52 12.44 -15.75 36.92
N GLY A 53 12.03 -16.62 37.83
CA GLY A 53 12.33 -16.42 39.22
C GLY A 53 11.05 -16.18 39.99
N SER A 54 9.97 -15.83 39.31
CA SER A 54 8.69 -15.65 39.99
C SER A 54 8.20 -16.96 40.59
N PRO A 55 7.57 -16.89 41.78
CA PRO A 55 6.98 -18.09 42.38
C PRO A 55 5.77 -18.60 41.60
N ARG A 56 5.25 -17.78 40.67
CA ARG A 56 4.23 -18.27 39.76
C ARG A 56 4.88 -18.76 38.46
N HIS A 57 5.04 -20.07 38.35
CA HIS A 57 5.65 -20.67 37.16
C HIS A 57 4.73 -20.63 35.94
N THR A 58 3.44 -20.82 36.20
CA THR A 58 2.40 -20.70 35.18
C THR A 58 1.47 -19.57 35.59
N VAL A 59 1.36 -18.55 34.74
CA VAL A 59 0.76 -17.28 35.14
C VAL A 59 -0.42 -16.92 34.22
N PRO A 60 -1.51 -16.39 34.83
CA PRO A 60 -2.65 -15.83 34.08
C PRO A 60 -2.23 -14.60 33.28
N GLN A 61 -2.60 -14.54 32.01
CA GLN A 61 -2.21 -13.42 31.14
C GLN A 61 -3.37 -13.04 30.24
N CYS A 62 -3.27 -11.89 29.57
CA CYS A 62 -4.34 -11.43 28.70
C CYS A 62 -4.00 -11.70 27.24
N CYS A 63 -4.87 -12.44 26.56
CA CYS A 63 -4.66 -12.76 25.15
C CYS A 63 -5.69 -12.08 24.28
N TYR A 64 -5.25 -11.61 23.11
CA TYR A 64 -6.15 -11.03 22.11
C TYR A 64 -5.48 -11.02 20.75
N GLY A 65 -6.25 -10.72 19.72
CA GLY A 65 -5.77 -10.70 18.35
C GLY A 65 -6.71 -11.44 17.41
N PHE A 66 -6.26 -11.61 16.17
CA PHE A 66 -6.98 -12.26 15.09
C PHE A 66 -7.51 -13.62 15.57
N CYS A 67 -6.62 -14.45 16.14
CA CYS A 67 -6.98 -15.82 16.47
C CYS A 67 -7.93 -15.89 17.68
N ILE A 68 -7.82 -14.91 18.57
CA ILE A 68 -8.69 -14.85 19.72
C ILE A 68 -10.12 -14.46 19.30
N ASP A 69 -10.25 -13.44 18.44
CA ASP A 69 -11.54 -13.08 17.85
C ASP A 69 -12.15 -14.29 17.15
N LEU A 70 -11.30 -15.07 16.50
CA LEU A 70 -11.77 -16.23 15.76
C LEU A 70 -12.22 -17.32 16.72
N LEU A 71 -11.45 -17.54 17.79
CA LEU A 71 -11.86 -18.50 18.80
C LEU A 71 -13.24 -18.11 19.35
N ILE A 72 -13.39 -16.84 19.70
CA ILE A 72 -14.66 -16.36 20.23
C ILE A 72 -15.82 -16.60 19.25
N LYS A 73 -15.61 -16.28 17.98
CA LYS A 73 -16.60 -16.58 16.94
C LYS A 73 -16.91 -18.09 16.86
N LEU A 74 -15.89 -18.93 16.94
CA LEU A 74 -16.12 -20.39 16.88
C LEU A 74 -16.97 -20.85 18.07
N ALA A 75 -16.62 -20.34 19.25
CA ALA A 75 -17.28 -20.76 20.49
C ALA A 75 -18.75 -20.38 20.50
N ARG A 76 -19.04 -19.19 20.00
CA ARG A 76 -20.43 -18.74 19.94
C ARG A 76 -21.18 -19.49 18.86
N THR A 77 -20.53 -19.74 17.73
CA THR A 77 -21.18 -20.40 16.60
C THR A 77 -21.50 -21.86 16.88
N MET A 78 -20.60 -22.52 17.62
CA MET A 78 -20.72 -23.95 17.87
C MET A 78 -21.15 -24.22 19.29
N ASN A 79 -21.39 -23.15 20.03
CA ASN A 79 -21.87 -23.25 21.41
C ASN A 79 -21.01 -24.14 22.31
N PHE A 80 -19.72 -23.83 22.41
CA PHE A 80 -18.90 -24.49 23.43
C PHE A 80 -18.27 -23.49 24.40
N THR A 81 -17.90 -23.95 25.59
CA THR A 81 -17.11 -23.14 26.51
C THR A 81 -15.64 -23.57 26.36
N TYR A 82 -14.72 -22.75 26.85
CA TYR A 82 -13.30 -23.04 26.64
C TYR A 82 -12.46 -22.44 27.74
N GLU A 83 -11.27 -23.01 27.93
CA GLU A 83 -10.23 -22.32 28.67
C GLU A 83 -8.95 -22.33 27.83
N VAL A 84 -8.26 -21.19 27.81
CA VAL A 84 -7.12 -21.01 26.93
C VAL A 84 -5.81 -21.07 27.69
N HIS A 85 -4.85 -21.82 27.16
CA HIS A 85 -3.49 -21.76 27.68
C HIS A 85 -2.48 -21.68 26.55
N LEU A 86 -1.30 -21.15 26.87
CA LEU A 86 -0.19 -21.04 25.93
C LEU A 86 0.68 -22.28 26.01
N VAL A 87 1.07 -22.80 24.85
CA VAL A 87 1.80 -24.07 24.76
C VAL A 87 3.04 -24.01 25.65
N ALA A 88 3.28 -25.06 26.44
CA ALA A 88 4.30 -24.98 27.47
C ALA A 88 5.72 -24.80 26.92
N ASP A 89 6.03 -25.47 25.82
CA ASP A 89 7.39 -25.35 25.26
C ASP A 89 7.54 -24.19 24.27
N GLY A 90 6.46 -23.42 24.06
CA GLY A 90 6.50 -22.28 23.13
C GLY A 90 6.66 -22.63 21.66
N LYS A 91 6.31 -23.85 21.28
CA LYS A 91 6.53 -24.28 19.89
C LYS A 91 5.25 -24.62 19.12
N PHE A 92 5.30 -24.51 17.79
CA PHE A 92 4.15 -24.88 16.96
C PHE A 92 4.06 -26.39 16.87
N GLY A 93 5.19 -27.04 16.60
CA GLY A 93 5.24 -28.49 16.69
C GLY A 93 5.98 -29.13 15.54
N THR A 94 7.01 -29.92 15.87
CA THR A 94 7.69 -30.75 14.89
C THR A 94 7.88 -32.15 15.48
N GLN A 95 8.10 -33.11 14.59
CA GLN A 95 8.34 -34.49 14.99
C GLN A 95 9.82 -34.75 15.20
N GLU A 96 10.20 -35.09 16.43
CA GLU A 96 11.60 -35.32 16.76
C GLU A 96 11.82 -36.64 17.48
N ARG A 97 12.94 -37.30 17.17
CA ARG A 97 13.32 -38.49 17.92
C ARG A 97 13.54 -38.11 19.36
N VAL A 98 13.13 -38.98 20.27
CA VAL A 98 13.29 -38.68 21.69
C VAL A 98 14.16 -39.73 22.34
N ASN A 99 14.86 -39.33 23.40
CA ASN A 99 15.52 -40.25 24.30
C ASN A 99 16.55 -41.11 23.59
N ASN A 100 17.14 -40.55 22.53
CA ASN A 100 18.15 -41.24 21.75
C ASN A 100 17.67 -42.58 21.18
N SER A 101 16.36 -42.70 20.98
CA SER A 101 15.78 -43.89 20.39
C SER A 101 15.36 -43.59 18.98
N ASN A 102 14.56 -44.49 18.41
CA ASN A 102 13.97 -44.28 17.08
C ASN A 102 12.51 -43.87 17.20
N LYS A 103 12.03 -43.78 18.44
CA LYS A 103 10.69 -43.29 18.68
C LYS A 103 10.69 -41.78 18.39
N LYS A 104 9.65 -41.30 17.71
CA LYS A 104 9.55 -39.88 17.41
C LYS A 104 8.31 -39.34 18.09
N GLU A 105 8.42 -38.12 18.58
CA GLU A 105 7.28 -37.47 19.19
C GLU A 105 7.18 -36.06 18.68
N TRP A 106 5.94 -35.58 18.54
CA TRP A 106 5.69 -34.18 18.25
C TRP A 106 5.88 -33.37 19.54
N ASN A 107 6.54 -32.23 19.43
CA ASN A 107 6.54 -31.27 20.52
C ASN A 107 5.50 -30.16 20.24
N GLY A 108 5.68 -29.02 20.91
CA GLY A 108 4.86 -27.86 20.63
C GLY A 108 3.37 -28.11 20.77
N MET A 109 2.56 -27.31 20.06
CA MET A 109 1.11 -27.46 20.15
C MET A 109 0.62 -28.78 19.57
N MET A 110 1.33 -29.29 18.56
CA MET A 110 1.00 -30.60 18.00
C MET A 110 1.02 -31.65 19.12
N GLY A 111 2.07 -31.62 19.94
CA GLY A 111 2.20 -32.59 21.01
C GLY A 111 1.12 -32.48 22.07
N GLU A 112 0.79 -31.25 22.44
CA GLU A 112 -0.26 -31.03 23.44
C GLU A 112 -1.61 -31.49 22.93
N LEU A 113 -1.86 -31.34 21.64
CA LEU A 113 -3.12 -31.81 21.09
C LEU A 113 -3.19 -33.34 21.11
N LEU A 114 -2.11 -33.99 20.68
CA LEU A 114 -2.10 -35.45 20.61
C LEU A 114 -2.15 -36.12 21.99
N SER A 115 -1.55 -35.50 23.00
CA SER A 115 -1.53 -36.06 24.35
C SER A 115 -2.80 -35.73 25.13
N GLY A 116 -3.64 -34.86 24.58
CA GLY A 116 -4.87 -34.46 25.27
C GLY A 116 -4.73 -33.30 26.25
N GLN A 117 -3.55 -32.69 26.34
CA GLN A 117 -3.42 -31.46 27.13
C GLN A 117 -4.19 -30.32 26.48
N ALA A 118 -4.44 -30.45 25.18
CA ALA A 118 -5.27 -29.48 24.48
C ALA A 118 -6.34 -30.26 23.75
N ASP A 119 -7.50 -29.62 23.53
CA ASP A 119 -8.52 -30.26 22.72
C ASP A 119 -8.56 -29.65 21.31
N MET A 120 -8.02 -28.45 21.18
CA MET A 120 -8.09 -27.76 19.91
C MET A 120 -6.95 -26.76 19.86
N ILE A 121 -6.29 -26.68 18.70
CA ILE A 121 -5.27 -25.66 18.48
C ILE A 121 -5.87 -24.49 17.71
N VAL A 122 -5.84 -23.33 18.34
CA VAL A 122 -6.33 -22.12 17.68
C VAL A 122 -5.17 -21.14 17.58
N ALA A 123 -4.55 -21.09 16.40
CA ALA A 123 -3.30 -20.39 16.24
C ALA A 123 -3.02 -20.30 14.74
N PRO A 124 -2.04 -19.47 14.34
CA PRO A 124 -1.67 -19.54 12.91
C PRO A 124 -0.89 -20.83 12.64
N LEU A 125 -1.57 -21.97 12.72
CA LEU A 125 -0.96 -23.29 12.56
C LEU A 125 -0.94 -23.69 11.08
N THR A 126 0.26 -23.83 10.52
CA THR A 126 0.41 -24.12 9.12
C THR A 126 0.02 -25.56 8.77
N ILE A 127 -0.87 -25.69 7.81
CA ILE A 127 -1.27 -26.99 7.27
C ILE A 127 -0.13 -27.59 6.43
N ASN A 128 0.27 -28.81 6.76
CA ASN A 128 1.18 -29.54 5.88
C ASN A 128 0.91 -31.03 5.96
N ASN A 129 1.52 -31.80 5.07
CA ASN A 129 1.20 -33.22 4.95
C ASN A 129 1.59 -34.03 6.16
N GLU A 130 2.74 -33.72 6.73
CA GLU A 130 3.22 -34.47 7.87
C GLU A 130 2.33 -34.28 9.12
N ARG A 131 1.91 -33.05 9.38
CA ARG A 131 0.98 -32.77 10.49
C ARG A 131 -0.38 -33.44 10.27
N ALA A 132 -0.83 -33.43 9.02
CA ALA A 132 -2.14 -33.96 8.68
C ALA A 132 -2.19 -35.48 8.76
N GLN A 133 -1.04 -36.13 8.82
CA GLN A 133 -1.02 -37.56 9.11
C GLN A 133 -1.45 -37.86 10.54
N TYR A 134 -1.32 -36.89 11.45
CA TYR A 134 -1.55 -37.16 12.86
C TYR A 134 -2.75 -36.44 13.45
N ILE A 135 -3.14 -35.32 12.83
CA ILE A 135 -4.29 -34.58 13.32
C ILE A 135 -5.19 -34.19 12.16
N GLU A 136 -6.35 -33.62 12.47
CA GLU A 136 -7.22 -33.03 11.46
C GLU A 136 -7.08 -31.51 11.46
N PHE A 137 -7.00 -30.91 10.27
CA PHE A 137 -7.10 -29.46 10.15
C PHE A 137 -8.49 -29.09 9.65
N SER A 138 -8.98 -27.94 10.06
CA SER A 138 -10.18 -27.38 9.44
C SER A 138 -9.80 -26.85 8.08
N LYS A 139 -10.80 -26.47 7.28
CA LYS A 139 -10.55 -25.63 6.10
C LYS A 139 -9.75 -24.41 6.53
N PRO A 140 -8.87 -23.91 5.66
CA PRO A 140 -7.98 -22.83 6.14
C PRO A 140 -8.74 -21.54 6.42
N PHE A 141 -8.44 -20.87 7.54
CA PHE A 141 -9.11 -19.60 7.82
C PHE A 141 -8.35 -18.46 7.17
N LYS A 142 -7.13 -18.76 6.75
CA LYS A 142 -6.28 -17.76 6.11
C LYS A 142 -5.20 -18.49 5.34
N TYR A 143 -4.78 -17.93 4.20
CA TYR A 143 -3.72 -18.56 3.41
C TYR A 143 -2.35 -18.18 3.94
N GLN A 144 -1.38 -19.04 3.66
CA GLN A 144 -0.04 -18.94 4.25
C GLN A 144 1.03 -19.07 3.17
N GLY A 145 2.17 -18.45 3.41
CA GLY A 145 3.33 -18.61 2.55
C GLY A 145 4.51 -17.92 3.15
N LEU A 146 5.66 -18.02 2.49
CA LEU A 146 6.84 -17.31 2.95
C LEU A 146 7.01 -16.08 2.08
N THR A 147 7.66 -15.07 2.64
CA THR A 147 8.04 -13.92 1.82
C THR A 147 9.35 -13.37 2.31
N ILE A 148 9.79 -12.25 1.75
CA ILE A 148 11.10 -11.73 2.06
C ILE A 148 11.02 -10.29 2.54
N LEU A 149 11.62 -10.02 3.70
CA LEU A 149 11.64 -8.67 4.25
C LEU A 149 12.94 -7.98 3.87
N VAL A 150 12.82 -6.77 3.30
CA VAL A 150 13.99 -6.01 2.86
C VAL A 150 13.81 -4.51 3.16
N LYS A 151 14.92 -3.78 3.05
CA LYS A 151 14.89 -2.32 3.10
C LYS A 151 14.17 -1.83 1.87
N LYS A 152 13.36 -0.79 2.00
CA LYS A 152 12.62 -0.30 0.84
C LYS A 152 13.60 0.09 -0.27
N GLY A 153 13.26 -0.23 -1.50
CA GLY A 153 14.18 -0.03 -2.60
C GLY A 153 14.83 -1.30 -3.12
N THR A 154 15.07 -2.27 -2.24
CA THR A 154 15.70 -3.53 -2.63
C THR A 154 14.75 -4.39 -3.45
N ARG A 155 15.17 -4.74 -4.66
CA ARG A 155 14.30 -5.49 -5.56
C ARG A 155 14.69 -6.97 -5.61
N ILE A 156 13.81 -7.83 -5.11
CA ILE A 156 13.99 -9.28 -5.18
C ILE A 156 12.70 -9.90 -5.72
N THR A 157 12.83 -10.71 -6.78
CA THR A 157 11.66 -11.20 -7.49
C THR A 157 10.93 -12.25 -6.68
N GLY A 158 11.68 -12.94 -5.81
CA GLY A 158 11.13 -14.02 -5.01
C GLY A 158 12.17 -15.12 -4.78
N ILE A 159 11.69 -16.36 -4.62
CA ILE A 159 12.57 -17.49 -4.30
C ILE A 159 13.54 -17.86 -5.44
N ASN A 160 13.19 -17.50 -6.69
CA ASN A 160 14.05 -17.81 -7.83
C ASN A 160 14.95 -16.65 -8.26
N ASP A 161 15.06 -15.63 -7.40
CA ASP A 161 15.90 -14.49 -7.69
C ASP A 161 17.37 -14.89 -7.65
N PRO A 162 18.14 -14.49 -8.68
CA PRO A 162 19.56 -14.90 -8.80
C PRO A 162 20.38 -14.55 -7.56
N ARG A 163 20.05 -13.45 -6.89
CA ARG A 163 20.79 -13.07 -5.67
C ARG A 163 20.49 -14.00 -4.50
N LEU A 164 19.43 -14.79 -4.64
CA LEU A 164 19.15 -15.87 -3.71
C LEU A 164 19.73 -17.18 -4.24
N ARG A 165 19.42 -17.51 -5.49
CA ARG A 165 19.82 -18.80 -6.07
C ARG A 165 21.33 -18.92 -6.35
N ASN A 166 22.00 -17.79 -6.56
CA ASN A 166 23.46 -17.79 -6.70
C ASN A 166 24.08 -16.84 -5.69
N PRO A 167 24.17 -17.29 -4.42
CA PRO A 167 24.48 -16.36 -3.33
C PRO A 167 25.94 -15.92 -3.26
N SER A 168 26.16 -14.79 -2.59
CA SER A 168 27.50 -14.28 -2.36
C SER A 168 27.45 -13.39 -1.12
N ASP A 169 28.61 -12.96 -0.65
CA ASP A 169 28.70 -12.07 0.50
C ASP A 169 28.15 -10.67 0.21
N LYS A 170 27.84 -10.40 -1.05
CA LYS A 170 27.32 -9.08 -1.45
C LYS A 170 25.85 -8.90 -1.12
N PHE A 171 25.13 -10.00 -0.97
CA PHE A 171 23.71 -9.95 -0.63
C PHE A 171 23.39 -11.03 0.40
N ILE A 172 23.34 -10.63 1.67
CA ILE A 172 23.13 -11.54 2.80
C ILE A 172 21.65 -11.79 3.08
N TYR A 173 21.25 -13.07 3.10
CA TYR A 173 19.90 -13.42 3.52
C TYR A 173 19.92 -14.55 4.54
N ALA A 174 18.82 -14.70 5.28
CA ALA A 174 18.78 -15.62 6.41
C ALA A 174 17.36 -15.87 6.90
N THR A 175 17.21 -16.80 7.83
CA THR A 175 15.94 -17.02 8.51
C THR A 175 16.23 -17.23 9.99
N VAL A 176 15.26 -17.73 10.75
CA VAL A 176 15.47 -17.96 12.17
C VAL A 176 15.93 -19.39 12.43
N LYS A 177 16.99 -19.54 13.23
CA LYS A 177 17.55 -20.86 13.56
C LYS A 177 16.51 -21.73 14.24
N GLN A 178 16.41 -22.99 13.80
CA GLN A 178 15.54 -23.99 14.43
C GLN A 178 14.06 -23.74 14.23
N SER A 179 13.73 -22.78 13.38
CA SER A 179 12.35 -22.61 12.97
C SER A 179 12.03 -23.69 11.94
N SER A 180 10.76 -23.89 11.65
CA SER A 180 10.38 -24.79 10.57
C SER A 180 10.97 -24.38 9.22
N VAL A 181 11.16 -23.08 9.00
CA VAL A 181 11.80 -22.60 7.77
C VAL A 181 13.24 -23.13 7.71
N ASP A 182 13.94 -22.97 8.83
CA ASP A 182 15.32 -23.41 8.94
C ASP A 182 15.43 -24.92 8.69
N ILE A 183 14.61 -25.69 9.40
CA ILE A 183 14.63 -27.14 9.31
C ILE A 183 14.28 -27.60 7.90
N TYR A 184 13.30 -26.95 7.27
CA TYR A 184 12.92 -27.34 5.92
C TYR A 184 14.08 -27.08 4.94
N PHE A 185 14.61 -25.86 4.96
CA PHE A 185 15.70 -25.49 4.06
C PHE A 185 16.90 -26.40 4.20
N ARG A 186 17.27 -26.77 5.42
CA ARG A 186 18.48 -27.58 5.61
C ARG A 186 18.40 -29.02 5.11
N ARG A 187 17.21 -29.47 4.73
CA ARG A 187 17.02 -30.87 4.36
C ARG A 187 16.66 -31.09 2.90
N GLN A 188 16.55 -30.00 2.13
CA GLN A 188 16.16 -30.13 0.72
C GLN A 188 17.38 -30.05 -0.16
N VAL A 189 17.57 -31.09 -0.97
CA VAL A 189 18.62 -31.11 -1.99
C VAL A 189 18.57 -29.85 -2.85
N GLU A 190 17.38 -29.46 -3.28
CA GLU A 190 17.22 -28.32 -4.18
C GLU A 190 17.61 -26.98 -3.53
N LEU A 191 17.65 -26.94 -2.20
CA LEU A 191 17.89 -25.68 -1.50
C LEU A 191 19.26 -25.65 -0.82
N SER A 192 20.09 -26.66 -1.10
CA SER A 192 21.38 -26.78 -0.42
C SER A 192 22.32 -25.61 -0.70
N THR A 193 22.27 -25.06 -1.91
CA THR A 193 23.14 -23.92 -2.22
C THR A 193 22.70 -22.66 -1.45
N MET A 194 21.39 -22.42 -1.39
CA MET A 194 20.87 -21.37 -0.53
C MET A 194 21.23 -21.62 0.92
N TYR A 195 21.04 -22.87 1.37
CA TYR A 195 21.26 -23.13 2.79
C TYR A 195 22.70 -22.91 3.24
N ARG A 196 23.66 -23.20 2.36
CA ARG A 196 25.07 -22.98 2.65
C ARG A 196 25.32 -21.53 3.02
N HIS A 197 24.66 -20.63 2.30
CA HIS A 197 24.69 -19.21 2.61
C HIS A 197 23.95 -18.92 3.93
N MET A 198 22.71 -19.39 4.05
CA MET A 198 21.85 -19.03 5.18
C MET A 198 22.38 -19.48 6.52
N GLU A 199 22.98 -20.67 6.56
CA GLU A 199 23.45 -21.20 7.84
C GLU A 199 24.61 -20.37 8.38
N LYS A 200 25.22 -19.56 7.51
CA LYS A 200 26.21 -18.59 7.95
C LYS A 200 25.56 -17.37 8.64
N HIS A 201 24.30 -17.11 8.33
CA HIS A 201 23.70 -15.85 8.76
C HIS A 201 22.42 -15.94 9.61
N ASN A 202 21.86 -17.14 9.76
CA ASN A 202 20.62 -17.34 10.52
C ASN A 202 20.60 -16.66 11.90
N TYR A 203 19.44 -16.14 12.27
CA TYR A 203 19.28 -15.39 13.52
C TYR A 203 18.56 -16.20 14.58
N GLU A 204 18.84 -15.86 15.85
CA GLU A 204 18.23 -16.54 16.98
C GLU A 204 16.72 -16.29 17.06
N SER A 205 16.28 -15.14 16.59
CA SER A 205 14.87 -14.82 16.66
C SER A 205 14.47 -13.89 15.51
N ALA A 206 13.18 -13.88 15.22
CA ALA A 206 12.66 -13.04 14.15
C ALA A 206 12.88 -11.56 14.44
N ALA A 207 12.68 -11.15 15.69
CA ALA A 207 12.86 -9.76 16.08
C ALA A 207 14.28 -9.26 15.80
N GLU A 208 15.27 -10.09 16.14
CA GLU A 208 16.66 -9.76 15.83
C GLU A 208 16.90 -9.64 14.33
N ALA A 209 16.36 -10.58 13.56
CA ALA A 209 16.53 -10.53 12.12
C ALA A 209 15.87 -9.29 11.53
N ILE A 210 14.68 -8.93 12.05
CA ILE A 210 14.01 -7.75 11.54
C ILE A 210 14.84 -6.49 11.82
N GLN A 211 15.44 -6.44 13.01
CA GLN A 211 16.24 -5.29 13.39
C GLN A 211 17.49 -5.20 12.51
N ALA A 212 18.07 -6.36 12.20
CA ALA A 212 19.25 -6.44 11.33
C ALA A 212 18.96 -5.87 9.93
N VAL A 213 17.75 -6.09 9.43
CA VAL A 213 17.38 -5.53 8.14
C VAL A 213 17.31 -4.00 8.24
N ARG A 214 16.74 -3.50 9.32
CA ARG A 214 16.68 -2.07 9.56
C ARG A 214 18.08 -1.48 9.70
N ASP A 215 18.95 -2.25 10.36
CA ASP A 215 20.32 -1.81 10.61
C ASP A 215 21.24 -2.05 9.42
N ASN A 216 20.69 -2.50 8.30
CA ASN A 216 21.47 -2.83 7.11
C ASN A 216 22.53 -3.91 7.35
N LYS A 217 22.32 -4.73 8.38
CA LYS A 217 23.24 -5.82 8.72
C LYS A 217 22.82 -7.11 8.01
N LEU A 218 21.55 -7.20 7.67
CA LEU A 218 21.01 -8.33 6.90
C LEU A 218 20.23 -7.74 5.72
N HIS A 219 20.43 -8.27 4.52
CA HIS A 219 19.80 -7.70 3.35
C HIS A 219 18.38 -8.22 3.10
N ALA A 220 18.14 -9.48 3.45
CA ALA A 220 16.81 -10.06 3.25
C ALA A 220 16.50 -11.11 4.32
N PHE A 221 15.29 -11.05 4.87
CA PHE A 221 14.87 -11.99 5.91
C PHE A 221 13.70 -12.83 5.40
N ILE A 222 13.90 -14.15 5.34
CA ILE A 222 12.87 -15.07 4.87
C ILE A 222 12.04 -15.59 6.03
N TRP A 223 10.73 -15.30 6.01
CA TRP A 223 9.88 -15.65 7.13
C TRP A 223 8.42 -15.66 6.70
N ASP A 224 7.53 -15.93 7.64
CA ASP A 224 6.09 -15.99 7.36
C ASP A 224 5.58 -14.66 6.81
N SER A 225 4.73 -14.72 5.79
CA SER A 225 4.31 -13.51 5.07
C SER A 225 3.33 -12.67 5.86
N ALA A 226 2.50 -13.31 6.68
CA ALA A 226 1.58 -12.56 7.54
C ALA A 226 2.36 -11.78 8.59
N VAL A 227 3.30 -12.45 9.26
CA VAL A 227 4.17 -11.79 10.23
C VAL A 227 4.96 -10.66 9.58
N LEU A 228 5.58 -10.94 8.44
CA LEU A 228 6.42 -9.95 7.76
C LEU A 228 5.61 -8.76 7.23
N GLU A 229 4.46 -9.04 6.63
CA GLU A 229 3.62 -7.93 6.16
C GLU A 229 3.15 -7.05 7.33
N PHE A 230 2.81 -7.67 8.45
CA PHE A 230 2.45 -6.91 9.63
C PHE A 230 3.63 -6.02 10.09
N GLU A 231 4.81 -6.62 10.25
CA GLU A 231 6.00 -5.88 10.66
C GLU A 231 6.37 -4.76 9.69
N ALA A 232 6.37 -5.06 8.39
CA ALA A 232 6.75 -4.06 7.39
C ALA A 232 5.82 -2.83 7.39
N SER A 233 4.53 -3.05 7.60
CA SER A 233 3.56 -1.94 7.60
C SER A 233 3.81 -0.90 8.70
N GLN A 234 4.55 -1.29 9.74
CA GLN A 234 4.85 -0.38 10.84
C GLN A 234 6.00 0.58 10.50
N LYS A 235 6.80 0.22 9.50
CA LYS A 235 8.07 0.89 9.25
C LYS A 235 8.19 1.39 7.82
N CYS A 236 8.42 2.69 7.69
CA CYS A 236 8.47 3.35 6.39
C CYS A 236 9.61 2.86 5.51
N ASP A 237 10.67 2.36 6.14
CA ASP A 237 11.88 1.92 5.42
C ASP A 237 11.92 0.40 5.20
N LEU A 238 10.86 -0.30 5.61
CA LEU A 238 10.79 -1.76 5.44
C LEU A 238 9.68 -2.17 4.49
N VAL A 239 9.97 -3.09 3.58
CA VAL A 239 8.92 -3.69 2.75
C VAL A 239 9.11 -5.19 2.56
N THR A 240 8.03 -5.90 2.24
CA THR A 240 8.14 -7.25 1.72
C THR A 240 8.26 -7.17 0.20
N THR A 241 8.84 -8.19 -0.42
CA THR A 241 9.13 -8.14 -1.85
C THR A 241 9.09 -9.55 -2.47
N GLY A 242 8.73 -9.61 -3.74
CA GLY A 242 8.73 -10.87 -4.45
C GLY A 242 7.43 -11.62 -4.32
N GLU A 243 7.29 -12.70 -5.07
CA GLU A 243 6.09 -13.51 -5.00
C GLU A 243 6.12 -14.35 -3.72
N LEU A 244 4.96 -14.52 -3.07
CA LEU A 244 4.85 -15.49 -1.99
C LEU A 244 5.31 -16.84 -2.49
N PHE A 245 5.90 -17.65 -1.61
CA PHE A 245 6.35 -18.97 -2.01
C PHE A 245 6.21 -20.01 -0.90
N PHE A 246 6.17 -21.27 -1.31
CA PHE A 246 5.96 -22.41 -0.40
C PHE A 246 4.65 -22.21 0.36
N ARG A 247 3.56 -22.23 -0.38
CA ARG A 247 2.29 -21.74 0.14
C ARG A 247 1.43 -22.88 0.64
N SER A 248 0.54 -22.53 1.57
CA SER A 248 -0.39 -23.47 2.17
C SER A 248 -1.48 -22.63 2.83
N GLY A 249 -1.98 -23.08 3.98
CA GLY A 249 -2.94 -22.29 4.71
C GLY A 249 -2.80 -22.50 6.20
N PHE A 250 -3.42 -21.62 6.99
CA PHE A 250 -3.50 -21.82 8.43
C PHE A 250 -4.84 -22.48 8.77
N GLY A 251 -4.84 -23.45 9.66
CA GLY A 251 -6.08 -24.13 10.02
C GLY A 251 -6.17 -24.34 11.50
N ILE A 252 -7.40 -24.51 11.99
CA ILE A 252 -7.63 -24.99 13.35
C ILE A 252 -7.22 -26.47 13.40
N GLY A 253 -6.54 -26.87 14.47
CA GLY A 253 -6.13 -28.26 14.59
C GLY A 253 -6.93 -29.00 15.66
N MET A 254 -7.36 -30.22 15.35
CA MET A 254 -8.08 -31.08 16.29
C MET A 254 -7.58 -32.50 16.13
N ARG A 255 -7.78 -33.35 17.14
CA ARG A 255 -7.44 -34.77 16.99
C ARG A 255 -8.28 -35.44 15.90
N LYS A 256 -7.75 -36.51 15.31
CA LYS A 256 -8.47 -37.25 14.27
C LYS A 256 -9.86 -37.69 14.73
N ASP A 257 -10.82 -37.67 13.82
CA ASP A 257 -12.19 -38.06 14.14
C ASP A 257 -12.73 -37.31 15.35
N SER A 258 -12.54 -35.99 15.36
CA SER A 258 -13.12 -35.13 16.39
C SER A 258 -14.56 -34.78 16.00
N PRO A 259 -15.46 -34.69 16.99
CA PRO A 259 -16.86 -34.36 16.69
C PRO A 259 -17.02 -32.90 16.29
N TRP A 260 -15.95 -32.12 16.41
CA TRP A 260 -16.03 -30.68 16.17
C TRP A 260 -15.59 -30.29 14.78
N LYS A 261 -14.91 -31.20 14.09
CA LYS A 261 -14.19 -30.84 12.88
C LYS A 261 -15.07 -30.25 11.79
N GLN A 262 -16.19 -30.89 11.49
CA GLN A 262 -17.03 -30.44 10.39
C GLN A 262 -17.56 -29.05 10.70
N ASN A 263 -18.03 -28.90 11.94
CA ASN A 263 -18.59 -27.64 12.38
C ASN A 263 -17.59 -26.50 12.40
N VAL A 264 -16.34 -26.78 12.75
CA VAL A 264 -15.29 -25.75 12.68
C VAL A 264 -15.10 -25.28 11.25
N SER A 265 -15.03 -26.25 10.33
CA SER A 265 -14.91 -25.91 8.91
C SER A 265 -16.10 -25.10 8.39
N LEU A 266 -17.33 -25.52 8.70
CA LEU A 266 -18.52 -24.79 8.23
C LEU A 266 -18.54 -23.37 8.79
N SER A 267 -18.14 -23.21 10.04
CA SER A 267 -18.07 -21.89 10.67
CA SER A 267 -18.07 -21.89 10.66
C SER A 267 -17.06 -21.01 9.94
N ILE A 268 -15.95 -21.60 9.52
CA ILE A 268 -14.92 -20.82 8.80
C ILE A 268 -15.38 -20.43 7.39
N LEU A 269 -16.02 -21.37 6.69
CA LEU A 269 -16.57 -21.09 5.37
C LEU A 269 -17.65 -20.00 5.45
N LYS A 270 -18.52 -20.08 6.45
CA LYS A 270 -19.48 -19.01 6.66
C LYS A 270 -18.78 -17.65 6.87
N SER A 271 -17.73 -17.65 7.70
CA SER A 271 -16.98 -16.42 8.04
C SER A 271 -16.26 -15.80 6.87
N HIS A 272 -15.78 -16.64 5.95
CA HIS A 272 -15.23 -16.16 4.69
C HIS A 272 -16.32 -15.48 3.86
N GLU A 273 -17.52 -16.07 3.84
CA GLU A 273 -18.57 -15.63 2.93
C GLU A 273 -19.25 -14.36 3.42
N ASN A 274 -19.36 -14.21 4.74
CA ASN A 274 -20.08 -13.07 5.32
C ASN A 274 -19.22 -11.86 5.64
N GLY A 275 -17.93 -11.93 5.32
CA GLY A 275 -17.03 -10.82 5.58
C GLY A 275 -16.39 -10.79 6.97
N PHE A 276 -16.68 -11.79 7.80
CA PHE A 276 -16.03 -11.83 9.11
C PHE A 276 -14.51 -11.95 9.00
N MET A 277 -14.02 -12.87 8.18
CA MET A 277 -12.56 -13.02 8.06
C MET A 277 -11.90 -11.76 7.51
N GLU A 278 -12.60 -11.06 6.62
CA GLU A 278 -12.03 -9.86 6.02
C GLU A 278 -11.96 -8.74 7.05
N ASP A 279 -12.97 -8.68 7.90
CA ASP A 279 -13.00 -7.75 9.04
C ASP A 279 -11.86 -8.03 10.03
N LEU A 280 -11.55 -9.30 10.23
CA LEU A 280 -10.40 -9.66 11.05
C LEU A 280 -9.10 -9.12 10.46
N ASP A 281 -8.98 -9.27 9.15
CA ASP A 281 -7.77 -8.84 8.46
C ASP A 281 -7.60 -7.33 8.60
N LYS A 282 -8.73 -6.61 8.50
CA LYS A 282 -8.74 -5.15 8.64
C LYS A 282 -8.35 -4.73 10.06
N THR A 283 -8.89 -5.43 11.06
CA THR A 283 -8.64 -5.10 12.45
C THR A 283 -7.19 -5.37 12.87
N TRP A 284 -6.60 -6.45 12.37
CA TRP A 284 -5.41 -6.99 13.01
C TRP A 284 -4.13 -6.98 12.20
N VAL A 285 -4.27 -7.11 10.88
CA VAL A 285 -3.17 -7.61 10.07
C VAL A 285 -2.20 -6.55 9.53
N ARG A 286 -2.69 -5.33 9.35
CA ARG A 286 -1.82 -4.25 8.90
C ARG A 286 -2.03 -2.97 9.70
N TYR A 287 -0.92 -2.32 10.06
CA TYR A 287 -0.96 -0.95 10.57
C TYR A 287 -1.69 -0.05 9.58
N GLN A 288 -2.36 0.96 10.11
CA GLN A 288 -2.98 2.00 9.31
C GLN A 288 -1.92 2.70 8.45
N GLU A 289 -0.76 2.96 9.05
CA GLU A 289 0.33 3.62 8.37
C GLU A 289 1.64 3.40 9.12
N CYS A 290 2.75 3.60 8.42
CA CYS A 290 4.07 3.41 9.01
C CYS A 290 4.39 4.51 10.01
N ASP A 291 5.17 4.16 11.03
CA ASP A 291 5.47 5.06 12.13
C ASP A 291 6.13 6.36 11.65
N SER A 292 5.58 7.48 12.10
CA SER A 292 5.88 8.80 11.52
C SER A 292 6.90 9.58 12.34
N ARG B 5 15.55 34.83 -6.47
CA ARG B 5 14.76 33.81 -5.80
C ARG B 5 13.37 33.67 -6.43
N LEU B 6 13.15 32.57 -7.14
CA LEU B 6 11.96 32.43 -7.97
C LEU B 6 10.72 32.02 -7.19
N LYS B 7 9.61 32.65 -7.51
CA LYS B 7 8.32 32.19 -7.00
C LYS B 7 7.75 31.15 -7.97
N ILE B 8 7.63 29.91 -7.48
CA ILE B 8 7.11 28.80 -8.26
C ILE B 8 5.67 28.61 -7.83
N VAL B 9 4.75 28.57 -8.79
CA VAL B 9 3.39 28.15 -8.45
C VAL B 9 3.14 26.75 -8.99
N THR B 10 2.40 25.96 -8.21
CA THR B 10 2.04 24.64 -8.66
C THR B 10 0.60 24.33 -8.24
N ILE B 11 0.19 23.08 -8.40
CA ILE B 11 -1.21 22.76 -8.24
C ILE B 11 -1.30 21.35 -7.72
N HIS B 12 -2.31 21.08 -6.93
CA HIS B 12 -2.48 19.75 -6.37
C HIS B 12 -3.03 18.84 -7.47
N GLN B 13 -2.21 17.90 -7.92
CA GLN B 13 -2.60 16.91 -8.91
C GLN B 13 -1.65 15.71 -8.83
N GLU B 14 -2.08 14.66 -8.13
CA GLU B 14 -1.29 13.44 -8.07
C GLU B 14 -1.23 12.77 -9.44
N PRO B 15 -0.13 12.03 -9.71
CA PRO B 15 1.07 11.89 -8.89
C PRO B 15 2.13 12.96 -9.21
N PHE B 16 1.74 14.07 -9.81
CA PHE B 16 2.71 15.12 -10.12
C PHE B 16 3.04 15.96 -8.90
N VAL B 17 2.01 16.39 -8.19
CA VAL B 17 2.19 17.05 -6.90
C VAL B 17 1.22 16.48 -5.89
N TYR B 18 1.77 15.85 -4.84
CA TYR B 18 1.00 15.51 -3.66
C TYR B 18 1.03 16.69 -2.72
N VAL B 19 -0.09 16.93 -2.04
CA VAL B 19 -0.12 17.95 -1.00
C VAL B 19 -0.60 17.34 0.31
N LYS B 20 0.26 17.34 1.32
CA LYS B 20 -0.11 16.78 2.63
C LYS B 20 0.11 17.84 3.69
N PRO B 21 -0.57 17.70 4.83
CA PRO B 21 -0.29 18.68 5.88
C PRO B 21 1.07 18.41 6.53
N THR B 22 1.69 19.47 7.04
CA THR B 22 2.88 19.34 7.87
C THR B 22 2.47 18.62 9.14
N MET B 23 3.44 17.98 9.79
CA MET B 23 3.18 17.37 11.08
C MET B 23 3.12 18.42 12.18
N SER B 24 2.78 17.96 13.39
CA SER B 24 2.58 18.85 14.53
C SER B 24 3.81 19.68 14.84
N ASP B 25 5.00 19.13 14.61
CA ASP B 25 6.25 19.87 14.76
C ASP B 25 6.55 20.74 13.53
N GLY B 26 5.57 20.91 12.65
CA GLY B 26 5.72 21.76 11.47
C GLY B 26 6.64 21.21 10.39
N THR B 27 6.99 19.93 10.47
CA THR B 27 7.87 19.35 9.46
C THR B 27 7.16 18.32 8.59
N CYS B 28 7.84 17.79 7.58
CA CYS B 28 7.24 16.81 6.69
C CYS B 28 7.66 15.40 7.06
N LYS B 29 6.69 14.50 7.15
CA LYS B 29 6.94 13.10 7.48
C LYS B 29 8.03 12.49 6.58
N GLU B 30 8.92 11.71 7.19
CA GLU B 30 10.00 11.05 6.47
C GLU B 30 9.49 9.81 5.73
N GLU B 31 9.69 9.79 4.42
CA GLU B 31 9.19 8.72 3.58
C GLU B 31 10.22 8.39 2.50
N PHE B 32 10.07 7.22 1.90
CA PHE B 32 11.02 6.75 0.89
C PHE B 32 10.31 6.34 -0.39
N THR B 33 10.99 6.50 -1.52
CA THR B 33 10.42 6.12 -2.82
C THR B 33 10.58 4.63 -3.03
N VAL B 34 10.00 4.15 -4.13
CA VAL B 34 10.14 2.75 -4.54
C VAL B 34 11.60 2.35 -4.72
N ASN B 35 12.46 3.32 -4.99
CA ASN B 35 13.88 3.05 -5.17
C ASN B 35 14.62 3.13 -3.84
N GLY B 36 13.90 3.45 -2.76
CA GLY B 36 14.51 3.52 -1.44
C GLY B 36 15.14 4.86 -1.12
N ASP B 37 14.91 5.86 -1.98
CA ASP B 37 15.45 7.19 -1.74
C ASP B 37 14.51 7.96 -0.87
N PRO B 38 15.04 8.89 -0.06
CA PRO B 38 14.14 9.77 0.67
C PRO B 38 13.25 10.52 -0.32
N VAL B 39 11.97 10.62 -0.01
CA VAL B 39 11.09 11.45 -0.80
C VAL B 39 11.46 12.90 -0.52
N LYS B 40 11.84 13.62 -1.57
CA LYS B 40 12.16 15.03 -1.47
C LYS B 40 10.87 15.84 -1.32
N LYS B 41 10.72 16.53 -0.21
CA LYS B 41 9.51 17.29 0.02
C LYS B 41 9.85 18.75 0.19
N VAL B 42 9.00 19.63 -0.35
CA VAL B 42 9.16 21.06 -0.15
C VAL B 42 7.97 21.62 0.64
N ILE B 43 8.19 22.74 1.31
CA ILE B 43 7.11 23.45 1.95
C ILE B 43 6.40 24.30 0.90
N CYS B 44 5.11 24.06 0.73
CA CYS B 44 4.35 24.86 -0.21
C CYS B 44 3.18 25.51 0.51
N THR B 45 3.13 26.83 0.53
CA THR B 45 1.99 27.48 1.13
C THR B 45 0.83 27.43 0.14
N GLY B 46 -0.38 27.25 0.66
CA GLY B 46 -1.56 27.27 -0.19
C GLY B 46 -2.81 27.59 0.60
N PRO B 47 -3.92 27.79 -0.12
CA PRO B 47 -5.20 28.06 0.55
C PRO B 47 -5.61 26.90 1.43
N ASN B 48 -6.14 27.24 2.60
CA ASN B 48 -6.49 26.23 3.58
C ASN B 48 -7.85 25.63 3.29
N ASP B 49 -7.93 24.93 2.15
CA ASP B 49 -9.14 24.23 1.75
C ASP B 49 -9.46 23.10 2.72
N THR B 50 -8.40 22.51 3.30
CA THR B 50 -8.54 21.40 4.25
C THR B 50 -9.34 21.77 5.50
N SER B 51 -9.04 22.94 6.07
CA SER B 51 -9.68 23.35 7.32
C SER B 51 -10.41 24.68 7.13
N PRO B 52 -11.61 24.63 6.54
CA PRO B 52 -12.40 25.85 6.41
C PRO B 52 -12.86 26.32 7.80
N GLY B 53 -12.71 27.62 8.06
CA GLY B 53 -12.98 28.13 9.39
C GLY B 53 -11.71 28.38 10.16
N SER B 54 -10.60 27.80 9.69
CA SER B 54 -9.33 27.98 10.37
C SER B 54 -8.87 29.42 10.28
N PRO B 55 -8.24 29.92 11.35
CA PRO B 55 -7.67 31.27 11.33
C PRO B 55 -6.50 31.37 10.35
N ARG B 56 -5.93 30.23 9.95
CA ARG B 56 -4.85 30.24 8.95
C ARG B 56 -5.43 30.05 7.54
N HIS B 57 -5.69 31.16 6.85
CA HIS B 57 -6.31 31.13 5.53
C HIS B 57 -5.35 30.61 4.48
N THR B 58 -4.07 30.85 4.70
CA THR B 58 -3.01 30.28 3.87
C THR B 58 -2.10 29.48 4.78
N VAL B 59 -1.93 28.20 4.46
CA VAL B 59 -1.29 27.27 5.36
C VAL B 59 -0.07 26.62 4.69
N PRO B 60 1.03 26.46 5.45
CA PRO B 60 2.20 25.72 4.95
C PRO B 60 1.89 24.24 4.90
N GLN B 61 2.23 23.60 3.80
CA GLN B 61 1.92 22.19 3.61
C GLN B 61 3.12 21.48 2.99
N CYS B 62 3.04 20.17 2.89
CA CYS B 62 4.07 19.36 2.27
C CYS B 62 3.70 19.02 0.84
N CYS B 63 4.58 19.37 -0.09
CA CYS B 63 4.43 19.05 -1.51
C CYS B 63 5.56 18.12 -1.95
N TYR B 64 5.23 17.11 -2.74
CA TYR B 64 6.24 16.22 -3.28
C TYR B 64 5.67 15.55 -4.53
N GLY B 65 6.52 14.91 -5.33
CA GLY B 65 6.05 14.26 -6.53
C GLY B 65 6.92 14.49 -7.75
N PHE B 66 6.45 13.97 -8.88
CA PHE B 66 7.13 14.07 -10.16
C PHE B 66 7.59 15.50 -10.41
N CYS B 67 6.67 16.46 -10.29
CA CYS B 67 6.99 17.84 -10.65
C CYS B 67 7.87 18.53 -9.62
N ILE B 68 7.80 18.08 -8.37
CA ILE B 68 8.68 18.62 -7.33
C ILE B 68 10.12 18.11 -7.54
N ASP B 69 10.27 16.80 -7.81
CA ASP B 69 11.58 16.26 -8.19
C ASP B 69 12.12 17.08 -9.35
N LEU B 70 11.28 17.29 -10.36
CA LEU B 70 11.66 18.06 -11.54
C LEU B 70 12.12 19.48 -11.16
N LEU B 71 11.34 20.15 -10.31
CA LEU B 71 11.67 21.50 -9.86
C LEU B 71 13.07 21.53 -9.25
N ILE B 72 13.32 20.59 -8.35
CA ILE B 72 14.58 20.51 -7.64
C ILE B 72 15.75 20.29 -8.63
N LYS B 73 15.56 19.38 -9.59
CA LYS B 73 16.55 19.18 -10.66
C LYS B 73 16.89 20.47 -11.43
N LEU B 74 15.86 21.20 -11.84
CA LEU B 74 16.05 22.46 -12.54
C LEU B 74 16.81 23.48 -11.71
N ALA B 75 16.44 23.61 -10.45
CA ALA B 75 17.02 24.62 -9.56
C ALA B 75 18.49 24.32 -9.31
N ARG B 76 18.80 23.04 -9.13
CA ARG B 76 20.18 22.62 -8.92
C ARG B 76 21.00 22.86 -10.18
N THR B 77 20.40 22.55 -11.34
CA THR B 77 21.09 22.64 -12.62
C THR B 77 21.37 24.08 -13.02
N MET B 78 20.39 24.94 -12.80
CA MET B 78 20.50 26.32 -13.23
C MET B 78 20.91 27.25 -12.11
N ASN B 79 21.11 26.67 -10.93
CA ASN B 79 21.47 27.42 -9.74
C ASN B 79 20.53 28.58 -9.41
N PHE B 80 19.27 28.27 -9.14
CA PHE B 80 18.36 29.26 -8.57
C PHE B 80 17.70 28.78 -7.25
N THR B 81 17.31 29.71 -6.40
CA THR B 81 16.56 29.36 -5.20
C THR B 81 15.09 29.64 -5.45
N TYR B 82 14.20 29.04 -4.66
CA TYR B 82 12.78 29.11 -4.97
C TYR B 82 11.94 29.07 -3.72
N GLU B 83 10.70 29.54 -3.84
CA GLU B 83 9.69 29.30 -2.83
C GLU B 83 8.44 28.85 -3.58
N VAL B 84 7.83 27.78 -3.10
CA VAL B 84 6.71 27.17 -3.78
C VAL B 84 5.40 27.55 -3.12
N HIS B 85 4.42 27.93 -3.92
CA HIS B 85 3.07 28.05 -3.37
C HIS B 85 2.07 27.38 -4.32
N LEU B 86 0.92 26.96 -3.78
CA LEU B 86 -0.13 26.39 -4.60
C LEU B 86 -1.04 27.50 -5.13
N VAL B 87 -1.53 27.34 -6.35
CA VAL B 87 -2.30 28.41 -6.98
C VAL B 87 -3.56 28.74 -6.18
N ALA B 88 -3.77 30.03 -5.95
CA ALA B 88 -4.84 30.50 -5.08
C ALA B 88 -6.24 30.00 -5.47
N ASP B 89 -6.59 30.12 -6.75
CA ASP B 89 -7.92 29.67 -7.16
C ASP B 89 -8.02 28.19 -7.53
N GLY B 90 -6.92 27.46 -7.33
CA GLY B 90 -6.90 26.02 -7.60
C GLY B 90 -7.07 25.61 -9.06
N LYS B 91 -6.78 26.53 -9.99
CA LYS B 91 -6.99 26.27 -11.41
C LYS B 91 -5.71 26.28 -12.25
N PHE B 92 -5.72 25.58 -13.39
CA PHE B 92 -4.60 25.63 -14.32
C PHE B 92 -4.58 26.96 -15.09
N GLY B 93 -5.73 27.38 -15.61
CA GLY B 93 -5.80 28.62 -16.32
C GLY B 93 -6.58 28.57 -17.63
N THR B 94 -7.69 29.32 -17.66
CA THR B 94 -8.38 29.64 -18.91
C THR B 94 -8.57 31.15 -18.97
N GLN B 95 -8.92 31.67 -20.14
CA GLN B 95 -9.12 33.09 -20.32
C GLN B 95 -10.60 33.43 -20.19
N GLU B 96 -10.94 34.31 -19.25
CA GLU B 96 -12.33 34.67 -19.01
C GLU B 96 -12.52 36.18 -19.04
N ARG B 97 -13.66 36.63 -19.54
CA ARG B 97 -14.01 38.04 -19.50
C ARG B 97 -14.25 38.43 -18.05
N VAL B 98 -13.70 39.57 -17.65
CA VAL B 98 -13.80 39.99 -16.26
C VAL B 98 -14.71 41.20 -16.09
N ASN B 99 -15.38 41.25 -14.94
CA ASN B 99 -16.22 42.38 -14.54
C ASN B 99 -17.25 42.80 -15.56
N ASN B 100 -17.83 41.81 -16.23
CA ASN B 100 -18.76 42.08 -17.33
C ASN B 100 -18.22 43.05 -18.39
N SER B 101 -16.90 43.05 -18.60
CA SER B 101 -16.29 43.95 -19.57
C SER B 101 -15.93 43.22 -20.87
N ASN B 102 -15.25 43.95 -21.75
CA ASN B 102 -14.69 43.41 -22.99
C ASN B 102 -13.42 42.61 -22.75
N LYS B 103 -12.71 42.97 -21.70
CA LYS B 103 -11.38 42.45 -21.45
C LYS B 103 -11.43 41.03 -20.89
N LYS B 104 -10.61 40.16 -21.44
CA LYS B 104 -10.45 38.81 -20.89
C LYS B 104 -9.20 38.77 -20.05
N GLU B 105 -9.23 37.99 -18.98
CA GLU B 105 -8.03 37.73 -18.20
C GLU B 105 -7.88 36.25 -17.97
N TRP B 106 -6.63 35.81 -17.78
CA TRP B 106 -6.36 34.43 -17.43
C TRP B 106 -6.60 34.23 -15.94
N ASN B 107 -7.20 33.11 -15.55
CA ASN B 107 -7.21 32.75 -14.14
C ASN B 107 -6.09 31.74 -13.85
N GLY B 108 -6.19 31.06 -12.71
CA GLY B 108 -5.27 29.99 -12.38
C GLY B 108 -3.79 30.34 -12.45
N MET B 109 -2.96 29.32 -12.70
CA MET B 109 -1.51 29.50 -12.73
C MET B 109 -1.09 30.42 -13.86
N MET B 110 -1.81 30.36 -14.97
CA MET B 110 -1.59 31.30 -16.08
C MET B 110 -1.68 32.75 -15.57
N GLY B 111 -2.78 33.07 -14.89
CA GLY B 111 -2.96 34.40 -14.32
C GLY B 111 -1.85 34.76 -13.37
N GLU B 112 -1.51 33.85 -12.45
CA GLU B 112 -0.45 34.13 -11.48
C GLU B 112 0.89 34.42 -12.15
N LEU B 113 1.19 33.65 -13.20
CA LEU B 113 2.43 33.84 -13.92
C LEU B 113 2.44 35.21 -14.60
N LEU B 114 1.32 35.55 -15.22
CA LEU B 114 1.24 36.78 -16.00
C LEU B 114 1.22 38.02 -15.12
N SER B 115 0.70 37.89 -13.91
CA SER B 115 0.60 39.02 -12.98
C SER B 115 1.88 39.22 -12.16
N GLY B 116 2.75 38.22 -12.14
CA GLY B 116 3.97 38.31 -11.36
C GLY B 116 3.85 37.74 -9.96
N GLN B 117 2.71 37.11 -9.66
CA GLN B 117 2.58 36.37 -8.41
C GLN B 117 3.45 35.11 -8.46
N ALA B 118 3.78 34.70 -9.69
CA ALA B 118 4.68 33.59 -9.89
C ALA B 118 5.72 33.96 -10.96
N ASP B 119 6.88 33.30 -10.91
CA ASP B 119 7.91 33.50 -11.92
C ASP B 119 8.00 32.28 -12.85
N MET B 120 7.51 31.15 -12.37
CA MET B 120 7.57 29.92 -13.14
C MET B 120 6.41 29.02 -12.74
N ILE B 121 5.75 28.42 -13.73
CA ILE B 121 4.75 27.40 -13.44
C ILE B 121 5.42 26.04 -13.55
N VAL B 122 5.42 25.29 -12.45
CA VAL B 122 5.94 23.93 -12.46
C VAL B 122 4.84 22.94 -12.08
N ALA B 123 4.24 22.35 -13.09
CA ALA B 123 3.06 21.53 -12.91
C ALA B 123 2.80 20.81 -14.22
N PRO B 124 1.85 19.85 -14.22
CA PRO B 124 1.48 19.25 -15.52
C PRO B 124 0.62 20.23 -16.32
N LEU B 125 1.25 21.30 -16.79
CA LEU B 125 0.58 22.37 -17.51
C LEU B 125 0.58 22.06 -19.00
N THR B 126 -0.62 21.85 -19.56
CA THR B 126 -0.76 21.41 -20.92
C THR B 126 -0.44 22.54 -21.91
N ILE B 127 0.43 22.25 -22.87
CA ILE B 127 0.75 23.19 -23.94
C ILE B 127 -0.39 23.29 -24.94
N ASN B 128 -0.80 24.51 -25.25
CA ASN B 128 -1.72 24.74 -26.36
C ASN B 128 -1.50 26.13 -26.94
N ASN B 129 -2.05 26.38 -28.12
CA ASN B 129 -1.83 27.61 -28.86
C ASN B 129 -2.30 28.85 -28.11
N GLU B 130 -3.46 28.74 -27.48
CA GLU B 130 -4.00 29.87 -26.76
C GLU B 130 -3.04 30.32 -25.66
N ARG B 131 -2.64 29.39 -24.79
CA ARG B 131 -1.71 29.72 -23.70
C ARG B 131 -0.37 30.21 -24.22
N ALA B 132 0.12 29.59 -25.30
CA ALA B 132 1.41 29.94 -25.90
C ALA B 132 1.44 31.36 -26.49
N GLN B 133 0.27 31.89 -26.80
CA GLN B 133 0.18 33.28 -27.22
C GLN B 133 0.60 34.25 -26.11
N TYR B 134 0.44 33.82 -24.85
CA TYR B 134 0.65 34.72 -23.71
C TYR B 134 1.89 34.43 -22.89
N ILE B 135 2.33 33.17 -22.89
CA ILE B 135 3.48 32.79 -22.08
C ILE B 135 4.45 31.96 -22.92
N GLU B 136 5.60 31.66 -22.31
CA GLU B 136 6.55 30.75 -22.93
C GLU B 136 6.43 29.39 -22.26
N PHE B 137 6.37 28.34 -23.07
CA PHE B 137 6.45 26.97 -22.57
C PHE B 137 7.86 26.44 -22.80
N SER B 138 8.38 25.67 -21.86
CA SER B 138 9.62 24.98 -22.13
C SER B 138 9.35 23.89 -23.16
N LYS B 139 10.41 23.27 -23.65
CA LYS B 139 10.26 22.00 -24.32
C LYS B 139 9.54 21.04 -23.37
N PRO B 140 8.65 20.19 -23.91
CA PRO B 140 7.82 19.34 -23.07
C PRO B 140 8.66 18.38 -22.23
N PHE B 141 8.28 18.18 -20.97
CA PHE B 141 8.99 17.21 -20.15
C PHE B 141 8.31 15.84 -20.21
N LYS B 142 7.09 15.82 -20.73
CA LYS B 142 6.32 14.60 -20.84
C LYS B 142 5.17 14.87 -21.82
N TYR B 143 4.82 13.88 -22.62
CA TYR B 143 3.74 14.08 -23.57
C TYR B 143 2.39 13.93 -22.88
N GLN B 144 1.37 14.51 -23.48
CA GLN B 144 0.06 14.60 -22.85
C GLN B 144 -0.99 14.16 -23.85
N GLY B 145 -2.11 13.65 -23.36
CA GLY B 145 -3.25 13.36 -24.19
C GLY B 145 -4.39 12.95 -23.29
N LEU B 146 -5.56 12.75 -23.89
CA LEU B 146 -6.69 12.22 -23.15
C LEU B 146 -6.77 10.71 -23.38
N THR B 147 -7.31 9.99 -22.39
CA THR B 147 -7.63 8.59 -22.60
C THR B 147 -8.92 8.24 -21.89
N ILE B 148 -9.25 6.96 -21.88
CA ILE B 148 -10.53 6.51 -21.36
C ILE B 148 -10.35 5.42 -20.29
N LEU B 149 -10.94 5.65 -19.12
CA LEU B 149 -10.86 4.71 -18.01
C LEU B 149 -12.14 3.89 -17.92
N VAL B 150 -11.97 2.56 -17.88
CA VAL B 150 -13.09 1.63 -17.87
C VAL B 150 -12.81 0.47 -16.91
N LYS B 151 -13.86 -0.31 -16.61
CA LYS B 151 -13.70 -1.61 -15.96
C LYS B 151 -12.89 -2.53 -16.85
N LYS B 152 -12.04 -3.34 -16.22
CA LYS B 152 -11.20 -4.30 -16.94
C LYS B 152 -12.01 -5.16 -17.92
N GLY B 153 -11.46 -5.35 -19.11
CA GLY B 153 -12.12 -6.11 -20.16
C GLY B 153 -13.06 -5.33 -21.08
N THR B 154 -13.30 -4.05 -20.78
CA THR B 154 -14.17 -3.23 -21.65
C THR B 154 -13.38 -2.78 -22.89
N ARG B 155 -13.95 -3.00 -24.07
CA ARG B 155 -13.22 -2.70 -25.30
C ARG B 155 -13.70 -1.39 -25.93
N ILE B 156 -12.87 -0.36 -25.82
CA ILE B 156 -13.11 0.91 -26.48
C ILE B 156 -11.83 1.32 -27.21
N THR B 157 -11.95 1.57 -28.51
CA THR B 157 -10.79 1.79 -29.36
C THR B 157 -10.20 3.18 -29.21
N GLY B 158 -11.00 4.10 -28.69
CA GLY B 158 -10.60 5.49 -28.58
C GLY B 158 -11.73 6.44 -28.94
N ILE B 159 -11.36 7.67 -29.34
CA ILE B 159 -12.37 8.72 -29.56
C ILE B 159 -13.33 8.43 -30.72
N ASN B 160 -12.92 7.58 -31.67
CA ASN B 160 -13.79 7.25 -32.81
C ASN B 160 -14.59 5.96 -32.65
N ASP B 161 -14.47 5.31 -31.49
CA ASP B 161 -15.29 4.15 -31.18
C ASP B 161 -16.78 4.48 -31.31
N PRO B 162 -17.56 3.58 -31.95
CA PRO B 162 -18.97 3.84 -32.22
C PRO B 162 -19.82 4.03 -30.98
N ARG B 163 -19.44 3.40 -29.88
CA ARG B 163 -20.17 3.59 -28.62
C ARG B 163 -19.94 4.99 -28.05
N LEU B 164 -18.87 5.64 -28.52
CA LEU B 164 -18.65 7.05 -28.20
C LEU B 164 -19.29 7.97 -29.25
N ARG B 165 -19.03 7.69 -30.53
CA ARG B 165 -19.47 8.58 -31.62
C ARG B 165 -20.97 8.51 -31.85
N ASN B 166 -21.57 7.34 -31.64
CA ASN B 166 -23.02 7.19 -31.71
C ASN B 166 -23.54 6.79 -30.34
N PRO B 167 -23.64 7.76 -29.43
CA PRO B 167 -23.90 7.46 -28.01
C PRO B 167 -25.32 6.97 -27.75
N SER B 168 -25.48 6.19 -26.69
CA SER B 168 -26.78 5.79 -26.18
C SER B 168 -26.63 5.53 -24.68
N ASP B 169 -27.74 5.29 -24.00
CA ASP B 169 -27.72 5.13 -22.55
C ASP B 169 -27.36 3.71 -22.11
N LYS B 170 -26.90 2.90 -23.06
CA LYS B 170 -26.45 1.55 -22.80
C LYS B 170 -24.95 1.55 -22.52
N PHE B 171 -24.31 2.67 -22.84
CA PHE B 171 -22.91 2.87 -22.50
C PHE B 171 -22.71 4.33 -22.14
N ILE B 172 -22.60 4.58 -20.83
CA ILE B 172 -22.50 5.93 -20.30
C ILE B 172 -21.05 6.38 -20.22
N TYR B 173 -20.76 7.53 -20.84
CA TYR B 173 -19.44 8.14 -20.69
C TYR B 173 -19.56 9.60 -20.31
N ALA B 174 -18.52 10.13 -19.69
CA ALA B 174 -18.57 11.48 -19.15
C ALA B 174 -17.17 12.00 -18.86
N THR B 175 -17.10 13.26 -18.48
CA THR B 175 -15.86 13.85 -18.00
C THR B 175 -16.19 14.73 -16.79
N VAL B 176 -15.27 15.59 -16.38
CA VAL B 176 -15.47 16.42 -15.18
C VAL B 176 -16.06 17.78 -15.54
N LYS B 177 -17.15 18.17 -14.88
CA LYS B 177 -17.82 19.43 -15.16
C LYS B 177 -16.86 20.60 -15.04
N GLN B 178 -16.90 21.51 -16.01
CA GLN B 178 -16.13 22.76 -15.94
C GLN B 178 -14.61 22.56 -16.03
N SER B 179 -14.19 21.33 -16.30
CA SER B 179 -12.79 21.08 -16.60
C SER B 179 -12.51 21.61 -18.00
N SER B 180 -11.24 21.68 -18.39
CA SER B 180 -10.92 22.12 -19.73
C SER B 180 -11.45 21.12 -20.76
N VAL B 181 -11.52 19.86 -20.36
CA VAL B 181 -12.08 18.83 -21.23
C VAL B 181 -13.54 19.13 -21.51
N ASP B 182 -14.27 19.49 -20.45
CA ASP B 182 -15.69 19.77 -20.56
C ASP B 182 -15.92 21.00 -21.43
N ILE B 183 -15.16 22.07 -21.18
CA ILE B 183 -15.25 23.30 -21.96
C ILE B 183 -14.90 23.04 -23.42
N TYR B 184 -13.83 22.28 -23.65
CA TYR B 184 -13.44 21.96 -25.02
C TYR B 184 -14.55 21.20 -25.78
N PHE B 185 -15.04 20.08 -25.25
CA PHE B 185 -16.10 19.33 -25.92
C PHE B 185 -17.35 20.19 -26.18
N ARG B 186 -17.70 21.03 -25.20
CA ARG B 186 -18.88 21.88 -25.27
C ARG B 186 -18.81 22.88 -26.45
N ARG B 187 -17.60 23.13 -26.95
CA ARG B 187 -17.40 24.18 -27.95
C ARG B 187 -17.07 23.69 -29.36
N GLN B 188 -17.04 22.37 -29.57
CA GLN B 188 -16.72 21.87 -30.91
C GLN B 188 -17.97 21.35 -31.63
N VAL B 189 -18.23 21.91 -32.81
CA VAL B 189 -19.32 21.45 -33.66
C VAL B 189 -19.23 19.94 -33.89
N GLU B 190 -18.04 19.47 -34.22
CA GLU B 190 -17.81 18.05 -34.52
C GLU B 190 -18.15 17.15 -33.34
N LEU B 191 -18.06 17.70 -32.14
CA LEU B 191 -18.25 16.89 -30.94
C LEU B 191 -19.63 17.09 -30.30
N SER B 192 -20.53 17.82 -30.96
CA SER B 192 -21.83 18.15 -30.33
C SER B 192 -22.69 16.92 -30.00
N THR B 193 -22.69 15.93 -30.88
CA THR B 193 -23.37 14.67 -30.59
C THR B 193 -22.87 14.02 -29.28
N MET B 194 -21.57 13.83 -29.18
CA MET B 194 -20.96 13.37 -27.93
C MET B 194 -21.35 14.24 -26.73
N TYR B 195 -21.21 15.55 -26.86
CA TYR B 195 -21.43 16.43 -25.71
C TYR B 195 -22.86 16.41 -25.20
N ARG B 196 -23.82 16.18 -26.10
CA ARG B 196 -25.22 16.10 -25.68
C ARG B 196 -25.39 14.91 -24.72
N HIS B 197 -24.68 13.83 -24.99
CA HIS B 197 -24.62 12.67 -24.09
C HIS B 197 -23.85 12.96 -22.80
N MET B 198 -22.60 13.43 -22.91
CA MET B 198 -21.78 13.75 -21.73
C MET B 198 -22.44 14.74 -20.80
N GLU B 199 -23.15 15.70 -21.39
CA GLU B 199 -23.80 16.79 -20.67
C GLU B 199 -24.67 16.28 -19.53
N LYS B 200 -25.30 15.12 -19.75
CA LYS B 200 -26.26 14.56 -18.80
C LYS B 200 -25.54 13.84 -17.67
N HIS B 201 -24.28 13.48 -17.90
CA HIS B 201 -23.61 12.52 -17.02
C HIS B 201 -22.32 13.04 -16.38
N ASN B 202 -21.89 14.24 -16.74
CA ASN B 202 -20.61 14.76 -16.25
C ASN B 202 -20.56 14.84 -14.71
N TYR B 203 -19.44 14.45 -14.13
CA TYR B 203 -19.31 14.41 -12.66
C TYR B 203 -18.63 15.67 -12.13
N GLU B 204 -18.83 15.93 -10.84
CA GLU B 204 -18.29 17.13 -10.20
C GLU B 204 -16.78 17.08 -9.98
N SER B 205 -16.22 15.88 -9.95
CA SER B 205 -14.78 15.76 -9.72
C SER B 205 -14.26 14.48 -10.35
N ALA B 206 -12.96 14.44 -10.66
CA ALA B 206 -12.36 13.21 -11.18
C ALA B 206 -12.53 12.01 -10.23
N ALA B 207 -12.37 12.27 -8.93
CA ALA B 207 -12.49 11.21 -7.92
C ALA B 207 -13.86 10.53 -7.92
N GLU B 208 -14.93 11.32 -7.97
CA GLU B 208 -16.28 10.77 -8.03
C GLU B 208 -16.50 9.97 -9.31
N ALA B 209 -16.03 10.51 -10.43
CA ALA B 209 -16.16 9.85 -11.71
C ALA B 209 -15.43 8.50 -11.72
N ILE B 210 -14.25 8.46 -11.11
CA ILE B 210 -13.48 7.23 -11.03
C ILE B 210 -14.22 6.20 -10.18
N GLN B 211 -14.80 6.67 -9.08
CA GLN B 211 -15.54 5.79 -8.20
C GLN B 211 -16.75 5.20 -8.91
N ALA B 212 -17.42 6.03 -9.69
CA ALA B 212 -18.61 5.58 -10.42
C ALA B 212 -18.28 4.51 -11.47
N VAL B 213 -17.10 4.60 -12.07
CA VAL B 213 -16.63 3.54 -12.96
C VAL B 213 -16.50 2.23 -12.18
N ARG B 214 -15.89 2.33 -11.00
CA ARG B 214 -15.76 1.19 -10.10
C ARG B 214 -17.11 0.61 -9.73
N ASP B 215 -18.07 1.49 -9.45
CA ASP B 215 -19.40 1.10 -8.99
C ASP B 215 -20.35 0.80 -10.14
N ASN B 216 -19.81 0.64 -11.35
CA ASN B 216 -20.64 0.37 -12.52
C ASN B 216 -21.81 1.35 -12.76
N LYS B 217 -21.64 2.62 -12.38
CA LYS B 217 -22.63 3.65 -12.69
C LYS B 217 -22.20 4.47 -13.90
N LEU B 218 -20.89 4.49 -14.14
CA LEU B 218 -20.34 5.17 -15.32
C LEU B 218 -19.49 4.15 -16.06
N HIS B 219 -19.75 3.98 -17.35
CA HIS B 219 -19.04 2.97 -18.13
C HIS B 219 -17.67 3.42 -18.62
N ALA B 220 -17.52 4.72 -18.87
CA ALA B 220 -16.24 5.23 -19.33
C ALA B 220 -15.99 6.67 -18.87
N PHE B 221 -14.75 6.95 -18.46
CA PHE B 221 -14.38 8.28 -17.97
C PHE B 221 -13.24 8.84 -18.83
N ILE B 222 -13.52 9.96 -19.49
CA ILE B 222 -12.53 10.62 -20.33
C ILE B 222 -11.78 11.66 -19.50
N TRP B 223 -10.48 11.45 -19.33
CA TRP B 223 -9.68 12.33 -18.51
C TRP B 223 -8.24 12.25 -18.95
N ASP B 224 -7.38 13.02 -18.29
CA ASP B 224 -5.97 13.05 -18.63
C ASP B 224 -5.35 11.66 -18.58
N SER B 225 -4.50 11.34 -19.55
CA SER B 225 -3.94 9.99 -19.64
C SER B 225 -3.01 9.64 -18.48
N ALA B 226 -2.17 10.61 -18.06
CA ALA B 226 -1.25 10.36 -16.94
C ALA B 226 -1.99 10.10 -15.64
N VAL B 227 -3.01 10.91 -15.36
CA VAL B 227 -3.81 10.71 -14.15
C VAL B 227 -4.53 9.36 -14.23
N LEU B 228 -5.11 9.04 -15.38
CA LEU B 228 -5.85 7.80 -15.54
C LEU B 228 -4.95 6.55 -15.48
N GLU B 229 -3.79 6.63 -16.12
CA GLU B 229 -2.77 5.56 -16.05
C GLU B 229 -2.34 5.34 -14.60
N PHE B 230 -2.11 6.43 -13.86
CA PHE B 230 -1.78 6.35 -12.44
C PHE B 230 -2.89 5.64 -11.67
N GLU B 231 -4.11 6.13 -11.84
CA GLU B 231 -5.28 5.54 -11.16
C GLU B 231 -5.48 4.06 -11.49
N ALA B 232 -5.21 3.69 -12.73
CA ALA B 232 -5.39 2.29 -13.12
C ALA B 232 -4.28 1.41 -12.54
N SER B 233 -3.08 1.97 -12.38
CA SER B 233 -1.94 1.22 -11.88
C SER B 233 -2.15 0.70 -10.46
N GLN B 234 -3.07 1.29 -9.71
CA GLN B 234 -3.38 0.74 -8.39
C GLN B 234 -4.63 -0.11 -8.40
N LYS B 235 -5.76 0.53 -8.70
CA LYS B 235 -7.05 -0.16 -8.73
C LYS B 235 -7.11 -1.12 -9.92
N CYS B 236 -6.78 -2.38 -9.68
CA CYS B 236 -6.60 -3.35 -10.77
C CYS B 236 -7.89 -3.82 -11.46
N ASP B 237 -9.04 -3.49 -10.89
CA ASP B 237 -10.29 -3.69 -11.61
C ASP B 237 -10.50 -2.62 -12.69
N LEU B 238 -9.66 -1.57 -12.67
CA LEU B 238 -9.74 -0.48 -13.63
C LEU B 238 -8.59 -0.52 -14.63
N VAL B 239 -8.90 -0.24 -15.89
CA VAL B 239 -7.86 -0.10 -16.91
C VAL B 239 -8.14 1.13 -17.78
N THR B 240 -7.11 1.65 -18.43
CA THR B 240 -7.31 2.59 -19.52
C THR B 240 -7.40 1.79 -20.81
N THR B 241 -8.14 2.31 -21.78
CA THR B 241 -8.39 1.59 -23.01
C THR B 241 -8.29 2.52 -24.22
N GLY B 242 -7.79 1.98 -25.33
CA GLY B 242 -7.84 2.71 -26.58
C GLY B 242 -6.66 3.62 -26.82
N GLU B 243 -6.68 4.28 -27.97
CA GLU B 243 -5.59 5.16 -28.38
C GLU B 243 -5.71 6.54 -27.72
N LEU B 244 -4.55 7.11 -27.39
CA LEU B 244 -4.51 8.48 -26.88
C LEU B 244 -5.09 9.42 -27.94
N PHE B 245 -5.79 10.46 -27.49
CA PHE B 245 -6.32 11.45 -28.42
C PHE B 245 -6.22 12.86 -27.87
N PHE B 246 -6.24 13.82 -28.80
CA PHE B 246 -6.17 15.24 -28.47
C PHE B 246 -4.85 15.47 -27.73
N ARG B 247 -3.74 15.18 -28.42
CA ARG B 247 -2.44 15.07 -27.78
C ARG B 247 -1.61 16.34 -27.83
N SER B 248 -0.68 16.44 -26.88
CA SER B 248 0.15 17.63 -26.74
C SER B 248 1.32 17.25 -25.82
N GLY B 249 1.78 18.21 -25.01
CA GLY B 249 2.81 17.92 -24.01
C GLY B 249 2.59 18.78 -22.78
N PHE B 250 3.23 18.41 -21.66
CA PHE B 250 3.26 19.26 -20.48
C PHE B 250 4.58 20.03 -20.53
N GLY B 251 4.54 21.33 -20.26
CA GLY B 251 5.75 22.13 -20.29
C GLY B 251 5.84 23.04 -19.09
N ILE B 252 7.05 23.52 -18.81
CA ILE B 252 7.23 24.52 -17.78
C ILE B 252 6.77 25.87 -18.32
N GLY B 253 6.05 26.65 -17.51
CA GLY B 253 5.54 27.94 -17.95
C GLY B 253 6.35 29.09 -17.40
N MET B 254 6.71 30.01 -18.29
CA MET B 254 7.47 31.22 -17.93
C MET B 254 6.91 32.42 -18.72
N ARG B 255 7.13 33.64 -18.20
CA ARG B 255 6.81 34.83 -19.00
C ARG B 255 7.72 34.90 -20.22
N LYS B 256 7.22 35.44 -21.32
CA LYS B 256 7.96 35.45 -22.59
C LYS B 256 9.33 36.13 -22.53
N ASP B 257 9.48 37.11 -21.65
CA ASP B 257 10.74 37.83 -21.53
C ASP B 257 11.68 37.23 -20.48
N SER B 258 11.48 35.96 -20.14
CA SER B 258 12.23 35.37 -19.03
C SER B 258 13.68 35.09 -19.44
N PRO B 259 14.63 35.35 -18.54
CA PRO B 259 16.04 35.04 -18.82
C PRO B 259 16.31 33.54 -18.68
N TRP B 260 15.32 32.79 -18.20
CA TRP B 260 15.50 31.39 -17.81
C TRP B 260 15.14 30.37 -18.90
N LYS B 261 14.32 30.78 -19.86
CA LYS B 261 13.66 29.84 -20.77
C LYS B 261 14.57 28.89 -21.53
N GLN B 262 15.64 29.40 -22.12
CA GLN B 262 16.53 28.56 -22.91
C GLN B 262 17.20 27.50 -22.03
N ASN B 263 17.72 27.92 -20.89
CA ASN B 263 18.34 26.96 -19.97
C ASN B 263 17.37 25.95 -19.35
N VAL B 264 16.11 26.37 -19.14
CA VAL B 264 15.08 25.44 -18.71
C VAL B 264 14.88 24.32 -19.77
N SER B 265 14.65 24.70 -21.02
CA SER B 265 14.48 23.72 -22.10
C SER B 265 15.73 22.87 -22.32
N LEU B 266 16.90 23.49 -22.19
CA LEU B 266 18.17 22.77 -22.22
C LEU B 266 18.17 21.63 -21.19
N SER B 267 17.88 21.96 -19.93
CA SER B 267 17.89 20.97 -18.84
C SER B 267 16.89 19.86 -19.06
N ILE B 268 15.75 20.20 -19.67
CA ILE B 268 14.70 19.22 -19.94
C ILE B 268 15.12 18.24 -21.04
N LEU B 269 15.75 18.77 -22.09
CA LEU B 269 16.21 17.92 -23.17
C LEU B 269 17.24 16.93 -22.65
N LYS B 270 18.23 17.44 -21.90
CA LYS B 270 19.23 16.55 -21.33
CA LYS B 270 19.23 16.56 -21.31
C LYS B 270 18.59 15.52 -20.39
N SER B 271 17.64 15.97 -19.58
CA SER B 271 16.93 15.06 -18.67
C SER B 271 16.23 13.93 -19.40
N HIS B 272 15.81 14.19 -20.64
CA HIS B 272 15.31 13.13 -21.51
C HIS B 272 16.44 12.18 -21.90
N GLU B 273 17.54 12.75 -22.40
CA GLU B 273 18.70 11.98 -22.88
C GLU B 273 19.31 11.08 -21.80
N ASN B 274 19.72 11.68 -20.68
CA ASN B 274 20.36 10.93 -19.60
C ASN B 274 19.44 9.99 -18.81
N GLY B 275 18.16 9.90 -19.20
CA GLY B 275 17.23 9.01 -18.54
C GLY B 275 16.58 9.50 -17.24
N PHE B 276 16.84 10.74 -16.85
CA PHE B 276 16.22 11.30 -15.64
C PHE B 276 14.68 11.32 -15.70
N MET B 277 14.12 11.66 -16.86
CA MET B 277 12.66 11.71 -17.01
CA MET B 277 12.66 11.73 -16.98
C MET B 277 12.05 10.34 -16.86
N GLU B 278 12.69 9.34 -17.45
CA GLU B 278 12.19 7.98 -17.36
C GLU B 278 12.22 7.52 -15.89
N ASP B 279 13.29 7.88 -15.18
CA ASP B 279 13.35 7.58 -13.74
C ASP B 279 12.17 8.20 -12.98
N LEU B 280 11.88 9.48 -13.24
CA LEU B 280 10.73 10.14 -12.63
C LEU B 280 9.45 9.37 -12.92
N ASP B 281 9.29 8.95 -14.17
CA ASP B 281 8.11 8.22 -14.56
C ASP B 281 7.99 6.90 -13.80
N LYS B 282 9.11 6.20 -13.66
CA LYS B 282 9.13 4.93 -12.93
C LYS B 282 8.90 5.13 -11.45
N THR B 283 9.38 6.26 -10.92
CA THR B 283 9.22 6.53 -9.51
C THR B 283 7.77 6.88 -9.15
N TRP B 284 7.14 7.69 -10.01
CA TRP B 284 5.92 8.37 -9.60
C TRP B 284 4.67 7.97 -10.36
N VAL B 285 4.82 7.63 -11.64
CA VAL B 285 3.67 7.42 -12.49
C VAL B 285 3.38 5.93 -12.63
N ARG B 286 4.39 5.17 -13.04
CA ARG B 286 4.27 3.71 -13.08
C ARG B 286 5.23 3.05 -12.09
OAA KFQ C . 2.53 -23.56 12.11
CAJ KFQ C . 3.31 -22.57 12.12
CAN KFQ C . 4.74 -22.77 12.28
NAG KFQ C . 5.36 -23.94 12.42
NAH KFQ C . 6.68 -23.68 12.55
CAK KFQ C . 6.84 -22.38 12.47
SAB KFQ C . 8.44 -21.64 12.55
NAO KFQ C . 5.64 -21.74 12.28
CAM KFQ C . 5.23 -20.38 12.16
CAF KFQ C . 6.11 -19.29 12.16
CAD KFQ C . 5.61 -18.01 12.02
CAC KFQ C . 4.23 -17.82 11.87
CAE KFQ C . 3.35 -18.89 11.85
CAL KFQ C . 3.85 -20.19 12.00
NAI KFQ C . 2.95 -21.27 11.98
C1 GOL D . 4.40 -20.30 8.15
O1 GOL D . 5.00 -19.19 7.51
C2 GOL D . 5.38 -21.20 8.94
O2 GOL D . 4.86 -22.51 8.91
C3 GOL D . 6.83 -21.18 8.41
O3 GOL D . 7.23 -22.53 8.24
C1 GOL E . 10.31 -23.85 16.35
O1 GOL E . 10.21 -22.52 15.89
C2 GOL E . 8.90 -24.31 16.78
O2 GOL E . 7.92 -23.61 16.08
C3 GOL E . 8.75 -25.85 16.59
O3 GOL E . 7.72 -26.18 15.71
C1 GOL F . 10.55 -13.93 18.08
O1 GOL F . 11.16 -12.72 17.65
C2 GOL F . 10.49 -14.95 16.90
O2 GOL F . 9.19 -15.36 16.51
C3 GOL F . 11.37 -16.20 17.18
O3 GOL F . 11.17 -17.11 16.12
C1 GOL G . 6.55 -7.96 36.50
O1 GOL G . 7.38 -7.81 35.35
C2 GOL G . 5.48 -9.04 36.24
O2 GOL G . 4.30 -8.74 36.96
C3 GOL G . 5.16 -9.08 34.71
O3 GOL G . 3.79 -8.78 34.52
C1 GOL H . 5.56 -12.24 19.45
O1 GOL H . 5.33 -11.58 18.21
C2 GOL H . 6.25 -13.59 19.14
O2 GOL H . 7.29 -13.36 18.22
C3 GOL H . 6.84 -14.26 20.41
O3 GOL H . 8.16 -14.72 20.15
C1 GOL I . 8.57 -24.19 5.28
O1 GOL I . 7.91 -22.95 5.40
C2 GOL I . 7.57 -25.31 5.64
O2 GOL I . 7.72 -25.85 6.93
C3 GOL I . 7.55 -26.49 4.63
O3 GOL I . 6.70 -27.50 5.14
C1 GOL J . -12.56 -7.44 19.23
O1 GOL J . -11.18 -7.76 19.30
C2 GOL J . -13.10 -7.33 17.78
O2 GOL J . -14.30 -6.58 17.82
C3 GOL J . -12.10 -6.52 16.91
O3 GOL J . -12.83 -5.44 16.35
C1 GOL K . 4.99 -16.59 25.49
O1 GOL K . 5.47 -15.30 25.16
C2 GOL K . 5.07 -16.76 27.03
O2 GOL K . 4.91 -15.50 27.64
C3 GOL K . 3.95 -17.72 27.54
O3 GOL K . 3.34 -17.12 28.68
C1 GOL L . -14.65 -12.23 27.38
O1 GOL L . -15.60 -13.10 27.98
C2 GOL L . -14.59 -12.45 25.84
O2 GOL L . -15.82 -13.02 25.37
C3 GOL L . -14.41 -11.06 25.20
O3 GOL L . -15.59 -10.76 24.47
S SO4 M . 4.32 -23.08 -4.17
O1 SO4 M . 4.50 -21.79 -3.51
O2 SO4 M . 5.58 -23.47 -4.78
O3 SO4 M . 3.89 -24.08 -3.19
O4 SO4 M . 3.25 -22.99 -5.19
S SO4 N . 2.35 -22.46 39.83
O1 SO4 N . 1.94 -21.07 39.67
O2 SO4 N . 2.03 -23.22 38.61
O3 SO4 N . 3.80 -22.55 40.04
O4 SO4 N . 1.65 -23.02 40.98
S SO4 O . 28.21 -17.92 0.38
O1 SO4 O . 28.79 -17.67 1.71
O2 SO4 O . 29.27 -17.90 -0.65
O3 SO4 O . 27.55 -19.24 0.41
O4 SO4 O . 27.24 -16.88 0.07
S SO4 P . 18.72 -32.12 11.21
O1 SO4 P . 19.95 -31.97 11.97
O2 SO4 P . 18.85 -31.37 9.95
O3 SO4 P . 18.48 -33.54 10.91
O4 SO4 P . 17.59 -31.60 11.98
OAA KFQ Q . -2.97 22.28 -18.03
CAJ KFQ Q . -3.66 21.35 -17.55
CAN KFQ Q . -5.10 21.49 -17.46
NAG KFQ Q . -5.78 22.55 -17.86
NAH KFQ Q . -7.09 22.28 -17.59
CAK KFQ Q . -7.16 21.07 -17.04
SAB KFQ Q . -8.69 20.36 -16.59
NAO KFQ Q . -5.92 20.52 -16.93
CAM KFQ Q . -5.40 19.30 -16.41
CAF KFQ Q . -6.17 18.27 -15.85
CAD KFQ Q . -5.56 17.10 -15.39
CAC KFQ Q . -4.16 16.97 -15.47
CAE KFQ Q . -3.39 17.98 -16.02
CAL KFQ Q . -4.00 19.15 -16.50
NAI KFQ Q . -3.21 20.18 -17.06
C1 GOL R . -4.14 23.71 -1.83
O1 GOL R . -3.89 24.35 -0.58
C2 GOL R . -4.70 22.28 -1.59
O2 GOL R . -5.71 22.32 -0.60
C3 GOL R . -5.26 21.66 -2.90
O3 GOL R . -6.50 21.02 -2.70
C1 GOL S . -9.19 25.35 -15.97
O1 GOL S . -8.35 26.38 -15.50
C2 GOL S . -8.97 24.03 -15.18
O2 GOL S . -8.29 24.27 -13.96
C3 GOL S . -10.38 23.43 -14.92
O3 GOL S . -10.61 23.36 -13.52
C1 GOL T . -7.26 18.30 -20.40
O1 GOL T . -7.60 19.66 -20.59
C2 GOL T . -5.76 18.16 -20.68
O2 GOL T . -5.12 19.32 -20.16
C3 GOL T . -5.23 16.87 -19.99
O3 GOL T . -4.29 17.32 -19.07
C1 GOL U . 12.98 12.28 -4.30
O1 GOL U . 11.59 12.42 -4.56
C2 GOL U . 13.58 10.94 -4.79
O2 GOL U . 13.06 10.59 -6.06
C3 GOL U . 15.14 11.05 -4.81
O3 GOL U . 15.70 10.58 -6.03
C1 GOL V . -7.64 16.34 -7.23
O1 GOL V . -7.71 15.70 -8.49
C2 GOL V . -6.18 16.27 -6.72
O2 GOL V . -6.17 16.06 -5.32
C3 GOL V . -5.47 15.11 -7.46
O3 GOL V . -4.99 14.17 -6.53
C1 GOL W . -1.78 22.90 -34.67
O1 GOL W . -1.73 23.55 -33.41
C2 GOL W . -2.78 23.64 -35.60
O2 GOL W . -3.30 22.69 -36.51
C3 GOL W . -3.93 24.27 -34.78
O3 GOL W . -5.19 23.77 -35.21
C1 GOL X . -20.36 28.69 -22.20
O1 GOL X . -19.27 28.19 -22.93
C2 GOL X . -21.58 27.78 -22.47
O2 GOL X . -22.70 28.44 -23.02
C3 GOL X . -22.00 26.96 -21.22
O3 GOL X . -22.89 25.96 -21.63
C1 GOL Y . 4.90 7.44 -4.65
O1 GOL Y . 3.87 6.97 -3.80
C2 GOL Y . 6.30 7.13 -4.05
O2 GOL Y . 6.22 5.94 -3.28
C3 GOL Y . 7.36 7.02 -5.18
O3 GOL Y . 7.98 5.75 -5.25
C1 GOL Z . -8.72 5.73 -34.59
O1 GOL Z . -9.37 6.96 -34.87
C2 GOL Z . -9.65 4.78 -33.78
O2 GOL Z . -8.88 3.81 -33.08
C3 GOL Z . -10.49 5.60 -32.75
O3 GOL Z . -10.65 4.93 -31.52
S SO4 AA . -4.84 24.57 10.54
O1 SO4 AA . -4.26 25.74 11.19
O2 SO4 AA . -3.79 24.02 9.66
O3 SO4 AA . -5.28 23.57 11.51
O4 SO4 AA . -6.01 24.93 9.74
S SO4 BA . -7.78 -5.70 -20.36
O1 SO4 BA . -7.03 -5.58 -19.11
O2 SO4 BA . -6.93 -5.31 -21.49
O3 SO4 BA . -8.19 -7.09 -20.56
O4 SO4 BA . -8.95 -4.82 -20.28
S SO4 CA . -27.81 10.24 -25.56
O1 SO4 CA . -28.32 10.61 -24.23
O2 SO4 CA . -27.29 11.44 -26.23
O3 SO4 CA . -26.70 9.28 -25.42
O4 SO4 CA . -28.89 9.65 -26.35
S SO4 DA . -11.47 26.36 -29.20
O1 SO4 DA . -10.26 26.36 -28.37
O2 SO4 DA . -11.69 27.72 -29.72
O3 SO4 DA . -11.32 25.44 -30.33
O4 SO4 DA . -12.62 25.96 -28.38
#